data_7TBS
#
_entry.id   7TBS
#
_cell.length_a   75.989
_cell.length_b   83.164
_cell.length_c   84.089
_cell.angle_alpha   90.000
_cell.angle_beta   90.000
_cell.angle_gamma   90.000
#
_symmetry.space_group_name_H-M   'I 2 2 2'
#
loop_
_entity.id
_entity.type
_entity.pdbx_description
1 polymer 'Glutaredoxin 2'
2 non-polymer 'SULFATE ION'
3 non-polymer 'CHLORIDE ION'
4 water water
#
_entity_poly.entity_id   1
_entity_poly.type   'polypeptide(L)'
_entity_poly.pdbx_seq_one_letter_code
;(MSE)HHHHHHSSGVDLGTENLYFQSNA(MSE)KIYLYHHCPYCIKVRLVADLSNFDYQ(MSE)IILANDDEKAHIDRIG
SKQVPFLEKDDGTFIKESDEICKFIAKVQNFEIAESTIDDFVKGCITDLEPHYRRIIYPRIPHHPRNECDFPTQSAKEYF
INKKSQYIGDFDALLRNPPYDSIRAINQILAKIDPFIKTPFINSEKFSWDDINIFPIFFILT(MSE)SKDLLEIPTNITN
YIKNIEAKTNIELY
;
_entity_poly.pdbx_strand_id   A
#
loop_
_chem_comp.id
_chem_comp.type
_chem_comp.name
_chem_comp.formula
CL non-polymer 'CHLORIDE ION' 'Cl -1'
SO4 non-polymer 'SULFATE ION' 'O4 S -2'
#
# COMPACT_ATOMS: atom_id res chain seq x y z
N HIS A 3 -4.65 26.41 10.34
CA HIS A 3 -5.45 25.32 10.85
C HIS A 3 -4.82 23.97 10.56
N HIS A 4 -4.07 23.89 9.46
CA HIS A 4 -3.38 22.67 9.09
C HIS A 4 -2.00 23.02 8.51
N HIS A 5 -1.13 22.03 8.49
CA HIS A 5 0.24 22.19 8.03
C HIS A 5 0.48 21.36 6.79
N HIS A 6 1.58 21.68 6.09
CA HIS A 6 2.02 20.83 5.00
C HIS A 6 2.40 19.45 5.52
N HIS A 7 2.21 18.44 4.67
CA HIS A 7 2.34 17.05 5.14
C HIS A 7 3.76 16.73 5.61
N SER A 8 4.76 17.42 5.08
CA SER A 8 6.14 17.20 5.50
C SER A 8 6.35 17.70 6.93
N ALA A 24 -2.85 16.18 14.18
CA ALA A 24 -3.37 15.99 15.52
C ALA A 24 -4.07 14.64 15.66
N MSE A 25 -4.87 14.28 14.65
CA MSE A 25 -5.57 13.00 14.67
C MSE A 25 -4.62 11.85 14.41
O MSE A 25 -3.65 11.99 13.66
CB MSE A 25 -6.71 12.99 13.64
CG MSE A 25 -7.82 13.99 13.94
SE MSE A 25 -9.39 13.75 12.81
CE MSE A 25 -9.93 15.61 12.65
N LYS A 26 -4.89 10.71 15.03
CA LYS A 26 -4.01 9.55 14.93
C LYS A 26 -4.53 8.57 13.89
N ILE A 27 -3.61 8.01 13.11
CA ILE A 27 -3.92 6.98 12.13
C ILE A 27 -3.03 5.78 12.43
N TYR A 28 -3.65 4.64 12.73
CA TYR A 28 -2.94 3.41 13.07
C TYR A 28 -2.82 2.54 11.82
N LEU A 29 -1.59 2.12 11.51
CA LEU A 29 -1.33 1.48 10.24
C LEU A 29 -0.05 0.67 10.30
N TYR A 30 0.21 -0.06 9.21
CA TYR A 30 1.52 -0.63 8.91
C TYR A 30 2.09 0.06 7.69
N HIS A 31 3.42 0.13 7.62
CA HIS A 31 4.05 0.75 6.45
C HIS A 31 3.81 -0.07 5.19
N HIS A 32 3.89 -1.39 5.29
CA HIS A 32 3.83 -2.26 4.11
C HIS A 32 2.41 -2.51 3.60
N CYS A 33 1.39 -2.16 4.37
CA CYS A 33 0.02 -2.53 4.01
C CYS A 33 -0.51 -1.62 2.91
N PRO A 34 -0.98 -2.17 1.78
CA PRO A 34 -1.47 -1.30 0.70
C PRO A 34 -2.74 -0.55 1.04
N TYR A 35 -3.60 -1.11 1.90
CA TYR A 35 -4.79 -0.38 2.31
C TYR A 35 -4.42 0.83 3.17
N CYS A 36 -3.36 0.71 3.96
CA CYS A 36 -2.85 1.85 4.70
C CYS A 36 -2.22 2.88 3.77
N ILE A 37 -1.58 2.41 2.69
CA ILE A 37 -1.00 3.32 1.70
C ILE A 37 -2.10 4.21 1.10
N LYS A 38 -3.29 3.63 0.85
CA LYS A 38 -4.41 4.42 0.37
C LYS A 38 -4.67 5.63 1.25
N VAL A 39 -4.65 5.42 2.57
CA VAL A 39 -4.95 6.50 3.51
C VAL A 39 -3.82 7.52 3.53
N ARG A 40 -2.56 7.05 3.58
CA ARG A 40 -1.43 7.97 3.60
C ARG A 40 -1.37 8.80 2.32
N LEU A 41 -1.74 8.21 1.19
CA LEU A 41 -1.73 8.94 -0.07
C LEU A 41 -2.67 10.14 -0.01
N VAL A 42 -3.92 9.92 0.41
CA VAL A 42 -4.86 11.02 0.53
C VAL A 42 -4.44 12.00 1.62
N ALA A 43 -3.94 11.47 2.74
CA ALA A 43 -3.58 12.32 3.87
C ALA A 43 -2.43 13.25 3.50
N ASP A 44 -1.38 12.71 2.88
CA ASP A 44 -0.22 13.52 2.54
C ASP A 44 -0.55 14.53 1.46
N LEU A 45 -1.23 14.10 0.40
CA LEU A 45 -1.53 15.00 -0.70
C LEU A 45 -2.46 16.13 -0.29
N SER A 46 -3.36 15.88 0.64
CA SER A 46 -4.30 16.90 1.11
C SER A 46 -3.77 17.71 2.28
N ASN A 47 -2.55 17.44 2.73
CA ASN A 47 -1.94 18.11 3.87
C ASN A 47 -2.77 17.92 5.15
N PHE A 48 -3.43 16.77 5.25
CA PHE A 48 -4.17 16.43 6.46
C PHE A 48 -3.23 16.30 7.65
N ASP A 49 -3.56 17.00 8.73
CA ASP A 49 -2.76 16.95 9.95
C ASP A 49 -3.04 15.65 10.68
N TYR A 50 -2.08 14.73 10.68
CA TYR A 50 -2.28 13.46 11.36
C TYR A 50 -0.97 13.00 11.99
N GLN A 51 -1.10 12.12 12.99
CA GLN A 51 0.03 11.48 13.64
C GLN A 51 0.03 10.01 13.25
N MSE A 52 1.12 9.56 12.64
CA MSE A 52 1.23 8.18 12.18
C MSE A 52 1.64 7.27 13.33
O MSE A 52 2.68 7.46 13.94
CB MSE A 52 2.25 8.09 11.03
CG MSE A 52 2.24 6.77 10.30
SE MSE A 52 3.13 6.85 8.56
CE MSE A 52 4.99 6.84 9.15
N ILE A 53 0.81 6.28 13.61
CA ILE A 53 1.07 5.29 14.66
C ILE A 53 1.25 3.93 13.97
N ILE A 54 2.50 3.49 13.87
CA ILE A 54 2.82 2.21 13.26
C ILE A 54 2.74 1.13 14.34
N LEU A 55 1.83 0.18 14.14
CA LEU A 55 1.62 -0.89 15.10
C LEU A 55 2.46 -2.12 14.73
N ALA A 56 3.11 -2.71 15.73
CA ALA A 56 3.81 -3.96 15.52
C ALA A 56 2.83 -5.04 15.07
N ASN A 57 3.30 -5.93 14.20
CA ASN A 57 2.39 -6.87 13.56
C ASN A 57 1.75 -7.83 14.55
N ASP A 58 2.43 -8.15 15.65
CA ASP A 58 1.92 -9.08 16.65
C ASP A 58 1.24 -8.38 17.83
N ASP A 59 1.10 -7.06 17.79
CA ASP A 59 0.49 -6.31 18.89
C ASP A 59 -1.02 -6.31 18.71
N GLU A 60 -1.63 -7.46 19.03
CA GLU A 60 -3.06 -7.62 18.83
C GLU A 60 -3.86 -6.69 19.75
N LYS A 61 -3.39 -6.50 20.98
CA LYS A 61 -4.15 -5.71 21.96
C LYS A 61 -4.31 -4.27 21.51
N ALA A 62 -3.32 -3.70 20.81
CA ALA A 62 -3.42 -2.32 20.37
C ALA A 62 -4.51 -2.15 19.31
N HIS A 63 -4.79 -3.19 18.52
CA HIS A 63 -5.91 -3.14 17.59
C HIS A 63 -7.23 -3.37 18.30
N ILE A 64 -7.30 -4.45 19.08
CA ILE A 64 -8.59 -4.95 19.57
C ILE A 64 -9.15 -4.02 20.64
N ASP A 65 -8.29 -3.42 21.47
CA ASP A 65 -8.77 -2.50 22.49
C ASP A 65 -9.44 -1.28 21.88
N ARG A 66 -9.05 -0.90 20.66
CA ARG A 66 -9.55 0.34 20.08
C ARG A 66 -10.75 0.12 19.17
N ILE A 67 -10.66 -0.82 18.23
CA ILE A 67 -11.75 -1.06 17.28
C ILE A 67 -12.29 -2.47 17.35
N GLY A 68 -11.82 -3.29 18.29
CA GLY A 68 -12.40 -4.62 18.49
C GLY A 68 -12.00 -5.67 17.49
N SER A 69 -11.08 -5.38 16.56
CA SER A 69 -10.63 -6.38 15.61
C SER A 69 -9.21 -6.04 15.16
N LYS A 70 -8.47 -7.08 14.78
CA LYS A 70 -7.07 -6.94 14.39
C LYS A 70 -7.02 -6.60 12.90
N GLN A 71 -7.13 -5.31 12.60
CA GLN A 71 -7.10 -4.85 11.22
C GLN A 71 -6.61 -3.40 11.18
N VAL A 72 -5.95 -3.06 10.08
CA VAL A 72 -5.52 -1.70 9.81
C VAL A 72 -5.90 -1.36 8.38
N PRO A 73 -6.00 -0.07 8.03
CA PRO A 73 -5.82 1.11 8.90
C PRO A 73 -7.08 1.46 9.67
N PHE A 74 -6.94 2.24 10.73
CA PHE A 74 -8.09 2.88 11.35
C PHE A 74 -7.66 4.22 11.91
N LEU A 75 -8.58 5.18 11.84
CA LEU A 75 -8.32 6.56 12.21
C LEU A 75 -9.07 6.91 13.50
N GLU A 76 -8.43 7.69 14.35
CA GLU A 76 -9.03 8.16 15.59
C GLU A 76 -9.33 9.64 15.47
N LYS A 77 -10.60 10.00 15.56
CA LYS A 77 -10.99 11.40 15.49
C LYS A 77 -10.65 12.13 16.78
N ASP A 78 -10.87 13.45 16.78
CA ASP A 78 -10.64 14.25 17.97
C ASP A 78 -11.54 13.81 19.12
N ASP A 79 -12.77 13.38 18.82
CA ASP A 79 -13.71 12.98 19.86
C ASP A 79 -13.43 11.60 20.43
N GLY A 80 -12.43 10.90 19.93
CA GLY A 80 -12.10 9.57 20.42
C GLY A 80 -12.80 8.43 19.71
N THR A 81 -13.66 8.72 18.74
CA THR A 81 -14.29 7.68 17.94
C THR A 81 -13.37 7.29 16.79
N PHE A 82 -13.66 6.14 16.18
CA PHE A 82 -12.78 5.54 15.20
C PHE A 82 -13.49 5.33 13.86
N ILE A 83 -12.70 5.40 12.79
CA ILE A 83 -13.14 5.01 11.46
C ILE A 83 -12.24 3.88 10.98
N LYS A 84 -12.85 2.77 10.57
CA LYS A 84 -12.14 1.75 9.82
C LYS A 84 -12.59 1.81 8.36
N GLU A 85 -12.18 0.81 7.57
CA GLU A 85 -12.35 0.78 6.12
C GLU A 85 -11.55 1.91 5.47
N SER A 86 -10.58 1.54 4.62
CA SER A 86 -9.71 2.54 4.03
C SER A 86 -10.48 3.52 3.14
N ASP A 87 -11.46 3.02 2.38
CA ASP A 87 -12.25 3.90 1.53
C ASP A 87 -12.96 4.97 2.34
N GLU A 88 -13.53 4.60 3.50
CA GLU A 88 -14.25 5.57 4.32
C GLU A 88 -13.30 6.56 4.97
N ILE A 89 -12.10 6.11 5.35
CA ILE A 89 -11.11 7.02 5.91
C ILE A 89 -10.68 8.04 4.86
N CYS A 90 -10.51 7.59 3.62
CA CYS A 90 -10.14 8.51 2.55
C CYS A 90 -11.20 9.58 2.33
N LYS A 91 -12.48 9.18 2.31
CA LYS A 91 -13.56 10.14 2.10
C LYS A 91 -13.64 11.13 3.26
N PHE A 92 -13.39 10.66 4.48
CA PHE A 92 -13.41 11.57 5.63
C PHE A 92 -12.30 12.61 5.54
N ILE A 93 -11.09 12.17 5.19
CA ILE A 93 -9.97 13.11 5.06
C ILE A 93 -10.24 14.12 3.96
N ALA A 94 -10.76 13.65 2.82
CA ALA A 94 -11.07 14.56 1.72
C ALA A 94 -12.12 15.57 2.13
N LYS A 95 -13.11 15.16 2.92
CA LYS A 95 -14.13 16.08 3.42
C LYS A 95 -13.51 17.13 4.32
N VAL A 96 -12.71 16.69 5.30
CA VAL A 96 -12.11 17.59 6.27
C VAL A 96 -11.21 18.61 5.56
N GLN A 97 -10.45 18.16 4.57
CA GLN A 97 -9.52 19.03 3.86
C GLN A 97 -10.17 19.75 2.69
N ASN A 98 -11.43 19.47 2.37
CA ASN A 98 -12.09 20.03 1.19
C ASN A 98 -11.26 19.75 -0.06
N PHE A 99 -10.88 18.49 -0.21
CA PHE A 99 -9.91 18.04 -1.20
C PHE A 99 -10.63 17.11 -2.17
N GLU A 100 -10.68 17.48 -3.44
CA GLU A 100 -11.47 16.72 -4.40
C GLU A 100 -10.69 15.51 -4.90
N ILE A 101 -11.40 14.38 -4.99
CA ILE A 101 -10.89 13.15 -5.56
C ILE A 101 -11.75 12.81 -6.76
N ALA A 102 -11.16 12.80 -7.95
CA ALA A 102 -11.90 12.51 -9.16
C ALA A 102 -12.38 11.06 -9.17
N GLU A 103 -13.45 10.81 -9.92
CA GLU A 103 -13.96 9.45 -10.05
C GLU A 103 -13.05 8.63 -10.96
N SER A 104 -13.23 7.31 -10.90
CA SER A 104 -12.42 6.40 -11.69
C SER A 104 -12.75 6.55 -13.17
N THR A 105 -11.70 6.67 -14.00
CA THR A 105 -11.87 6.76 -15.44
C THR A 105 -10.97 5.80 -16.22
N ILE A 106 -10.00 5.15 -15.58
CA ILE A 106 -9.03 4.34 -16.31
C ILE A 106 -9.74 3.13 -16.93
N ASP A 107 -9.19 2.66 -18.04
CA ASP A 107 -9.83 1.60 -18.83
C ASP A 107 -10.00 0.34 -18.00
N ASP A 108 -11.13 -0.35 -18.22
CA ASP A 108 -11.38 -1.61 -17.52
C ASP A 108 -10.29 -2.64 -17.80
N PHE A 109 -9.60 -2.51 -18.94
CA PHE A 109 -8.50 -3.41 -19.25
C PHE A 109 -7.41 -3.33 -18.18
N VAL A 110 -7.08 -2.12 -17.74
CA VAL A 110 -6.05 -1.95 -16.72
C VAL A 110 -6.52 -2.55 -15.40
N LYS A 111 -7.79 -2.34 -15.05
CA LYS A 111 -8.32 -2.91 -13.81
C LYS A 111 -8.25 -4.43 -13.84
N GLY A 112 -8.54 -5.04 -14.99
CA GLY A 112 -8.42 -6.48 -15.11
C GLY A 112 -7.00 -6.97 -14.98
N CYS A 113 -6.05 -6.23 -15.57
CA CYS A 113 -4.64 -6.61 -15.45
C CYS A 113 -4.16 -6.50 -14.01
N ILE A 114 -4.62 -5.45 -13.29
CA ILE A 114 -4.24 -5.30 -11.89
C ILE A 114 -4.73 -6.49 -11.07
N THR A 115 -5.96 -6.95 -11.36
CA THR A 115 -6.50 -8.11 -10.65
C THR A 115 -5.66 -9.36 -10.91
N ASP A 116 -5.17 -9.51 -12.14
CA ASP A 116 -4.38 -10.68 -12.50
C ASP A 116 -3.02 -10.73 -11.82
N LEU A 117 -2.56 -9.62 -11.23
CA LEU A 117 -1.28 -9.62 -10.54
C LEU A 117 -1.34 -10.38 -9.22
N GLU A 118 -2.53 -10.60 -8.67
CA GLU A 118 -2.66 -11.08 -7.29
C GLU A 118 -1.99 -12.43 -7.06
N PRO A 119 -2.25 -13.49 -7.83
CA PRO A 119 -1.59 -14.77 -7.53
C PRO A 119 -0.08 -14.71 -7.64
N HIS A 120 0.46 -13.75 -8.39
CA HIS A 120 1.90 -13.67 -8.59
C HIS A 120 2.59 -12.85 -7.52
N TYR A 121 1.99 -11.74 -7.06
CA TYR A 121 2.65 -11.00 -6.00
C TYR A 121 2.44 -11.65 -4.64
N ARG A 122 1.53 -12.61 -4.53
CA ARG A 122 1.49 -13.45 -3.33
C ARG A 122 2.76 -14.28 -3.24
N ARG A 123 3.30 -14.71 -4.37
N ARG A 123 3.31 -14.69 -4.38
CA ARG A 123 4.49 -15.56 -4.37
CA ARG A 123 4.48 -15.55 -4.39
C ARG A 123 5.79 -14.76 -4.43
C ARG A 123 5.79 -14.78 -4.47
N ILE A 124 5.78 -13.58 -5.05
CA ILE A 124 7.00 -12.85 -5.34
C ILE A 124 7.29 -11.76 -4.32
N ILE A 125 6.24 -11.11 -3.80
CA ILE A 125 6.40 -9.95 -2.93
C ILE A 125 6.05 -10.27 -1.48
N TYR A 126 4.93 -10.95 -1.25
CA TYR A 126 4.49 -11.23 0.12
C TYR A 126 5.54 -11.90 1.00
N PRO A 127 6.29 -12.92 0.55
CA PRO A 127 7.29 -13.53 1.44
C PRO A 127 8.37 -12.56 1.90
N ARG A 128 8.59 -11.46 1.18
CA ARG A 128 9.64 -10.51 1.54
C ARG A 128 9.18 -9.48 2.57
N ILE A 129 7.89 -9.43 2.89
CA ILE A 129 7.33 -8.38 3.75
C ILE A 129 8.00 -8.37 5.13
N PRO A 130 8.01 -9.47 5.89
CA PRO A 130 8.52 -9.38 7.27
C PRO A 130 10.01 -9.15 7.35
N HIS A 131 10.77 -9.44 6.29
CA HIS A 131 12.24 -9.39 6.36
C HIS A 131 12.84 -8.16 5.70
N HIS A 132 12.07 -7.39 4.95
CA HIS A 132 12.64 -6.22 4.28
C HIS A 132 13.06 -5.18 5.32
N PRO A 133 14.27 -4.62 5.20
CA PRO A 133 14.73 -3.67 6.22
C PRO A 133 13.86 -2.43 6.36
N ARG A 134 13.20 -1.99 5.29
CA ARG A 134 12.32 -0.84 5.38
C ARG A 134 11.04 -1.12 6.16
N ASN A 135 10.71 -2.40 6.39
CA ASN A 135 9.54 -2.78 7.16
C ASN A 135 9.86 -3.03 8.63
N GLU A 136 11.04 -2.62 9.09
CA GLU A 136 11.42 -2.86 10.48
C GLU A 136 10.45 -2.18 11.46
N CYS A 137 9.84 -1.08 11.04
CA CYS A 137 8.83 -0.44 11.88
C CYS A 137 7.62 -1.35 12.09
N ASP A 138 7.24 -2.08 11.04
CA ASP A 138 6.14 -3.05 11.14
C ASP A 138 6.53 -4.30 11.90
N PHE A 139 7.81 -4.65 11.92
CA PHE A 139 8.29 -5.89 12.53
C PHE A 139 9.52 -5.58 13.38
N PRO A 140 9.33 -4.90 14.52
CA PRO A 140 10.49 -4.51 15.34
C PRO A 140 11.08 -5.64 16.17
N THR A 141 10.44 -6.81 16.21
CA THR A 141 10.93 -7.94 16.96
C THR A 141 10.86 -9.19 16.11
N GLN A 142 11.59 -10.22 16.53
CA GLN A 142 11.51 -11.50 15.86
C GLN A 142 10.11 -12.10 15.98
N SER A 143 9.42 -11.84 17.09
CA SER A 143 8.09 -12.39 17.29
C SER A 143 7.07 -11.75 16.35
N ALA A 144 7.26 -10.47 16.01
CA ALA A 144 6.39 -9.84 15.02
C ALA A 144 6.60 -10.47 13.64
N LYS A 145 7.85 -10.79 13.30
CA LYS A 145 8.13 -11.45 12.03
C LYS A 145 7.54 -12.85 12.00
N GLU A 146 7.76 -13.63 13.08
CA GLU A 146 7.21 -14.98 13.13
C GLU A 146 5.70 -14.98 13.17
N TYR A 147 5.10 -13.98 13.84
CA TYR A 147 3.65 -13.81 13.81
C TYR A 147 3.14 -13.71 12.39
N PHE A 148 3.73 -12.81 11.60
CA PHE A 148 3.31 -12.64 10.21
C PHE A 148 3.49 -13.94 9.42
N ILE A 149 4.63 -14.59 9.59
CA ILE A 149 4.91 -15.81 8.83
C ILE A 149 3.92 -16.90 9.19
N ASN A 150 3.68 -17.12 10.48
CA ASN A 150 2.72 -18.13 10.90
C ASN A 150 1.31 -17.77 10.46
N LYS A 151 0.97 -16.48 10.49
CA LYS A 151 -0.40 -16.06 10.16
C LYS A 151 -0.67 -16.11 8.66
N LYS A 152 0.31 -15.82 7.83
CA LYS A 152 0.10 -15.69 6.40
C LYS A 152 0.48 -16.92 5.60
N SER A 153 1.17 -17.89 6.21
CA SER A 153 1.58 -19.08 5.47
C SER A 153 0.41 -19.96 5.04
N GLN A 154 -0.81 -19.67 5.52
CA GLN A 154 -1.97 -20.46 5.11
C GLN A 154 -2.16 -20.40 3.61
N TYR A 155 -2.40 -19.20 3.07
CA TYR A 155 -2.70 -19.02 1.67
C TYR A 155 -1.51 -18.53 0.86
N ILE A 156 -0.33 -18.44 1.45
CA ILE A 156 0.87 -18.04 0.72
C ILE A 156 1.71 -19.26 0.40
N GLY A 157 2.11 -20.00 1.43
CA GLY A 157 2.96 -21.16 1.31
C GLY A 157 4.12 -21.05 2.27
N ASP A 158 5.20 -21.78 1.97
CA ASP A 158 6.39 -21.74 2.79
C ASP A 158 7.23 -20.53 2.39
N PHE A 159 7.49 -19.64 3.37
CA PHE A 159 8.20 -18.41 3.08
C PHE A 159 9.65 -18.66 2.70
N ASP A 160 10.31 -19.59 3.39
CA ASP A 160 11.71 -19.89 3.09
C ASP A 160 11.88 -20.43 1.68
N ALA A 161 11.01 -21.37 1.28
CA ALA A 161 11.12 -21.96 -0.05
C ALA A 161 10.86 -20.92 -1.14
N LEU A 162 9.88 -20.03 -0.92
CA LEU A 162 9.58 -19.00 -1.90
C LEU A 162 10.69 -17.95 -1.97
N LEU A 163 11.31 -17.64 -0.84
CA LEU A 163 12.39 -16.66 -0.83
C LEU A 163 13.63 -17.21 -1.53
N ARG A 164 13.92 -18.51 -1.36
CA ARG A 164 15.08 -19.10 -2.00
C ARG A 164 14.85 -19.39 -3.47
N ASN A 165 13.61 -19.63 -3.88
CA ASN A 165 13.27 -19.99 -5.26
C ASN A 165 12.08 -19.17 -5.74
N PRO A 166 12.28 -17.89 -6.03
CA PRO A 166 11.21 -17.08 -6.61
C PRO A 166 10.73 -17.68 -7.91
N PRO A 167 9.46 -18.07 -7.99
CA PRO A 167 8.94 -18.68 -9.23
C PRO A 167 9.09 -17.73 -10.41
N TYR A 168 9.90 -18.14 -11.40
N TYR A 168 9.90 -18.15 -11.38
CA TYR A 168 10.15 -17.26 -12.52
CA TYR A 168 10.19 -17.34 -12.56
C TYR A 168 8.96 -17.16 -13.46
C TYR A 168 8.97 -17.17 -13.45
N ASP A 169 8.00 -18.10 -13.39
CA ASP A 169 6.79 -17.95 -14.17
C ASP A 169 5.95 -16.80 -13.65
N SER A 170 5.97 -16.56 -12.33
CA SER A 170 5.31 -15.40 -11.77
C SER A 170 6.09 -14.12 -12.05
N ILE A 171 7.42 -14.21 -12.10
CA ILE A 171 8.23 -13.06 -12.49
C ILE A 171 7.88 -12.64 -13.92
N ARG A 172 7.82 -13.61 -14.83
CA ARG A 172 7.46 -13.32 -16.21
C ARG A 172 6.04 -12.77 -16.30
N ALA A 173 5.11 -13.36 -15.55
CA ALA A 173 3.72 -12.91 -15.62
C ALA A 173 3.57 -11.47 -15.15
N ILE A 174 4.26 -11.11 -14.05
CA ILE A 174 4.20 -9.74 -13.56
C ILE A 174 4.79 -8.78 -14.58
N ASN A 175 5.98 -9.13 -15.11
CA ASN A 175 6.62 -8.29 -16.12
C ASN A 175 5.70 -8.05 -17.31
N GLN A 176 5.05 -9.12 -17.78
CA GLN A 176 4.17 -9.00 -18.95
C GLN A 176 2.95 -8.14 -18.65
N ILE A 177 2.36 -8.30 -17.46
CA ILE A 177 1.18 -7.52 -17.10
C ILE A 177 1.53 -6.04 -16.99
N LEU A 178 2.64 -5.73 -16.31
CA LEU A 178 3.07 -4.34 -16.20
C LEU A 178 3.37 -3.74 -17.58
N ALA A 179 3.92 -4.55 -18.48
CA ALA A 179 4.16 -4.06 -19.84
C ALA A 179 2.85 -3.72 -20.55
N LYS A 180 1.80 -4.50 -20.30
CA LYS A 180 0.50 -4.20 -20.91
C LYS A 180 -0.16 -2.98 -20.26
N ILE A 181 0.09 -2.76 -18.98
CA ILE A 181 -0.54 -1.64 -18.27
C ILE A 181 0.14 -0.32 -18.60
N ASP A 182 1.46 -0.34 -18.79
CA ASP A 182 2.26 0.88 -18.84
C ASP A 182 1.76 1.96 -19.80
N PRO A 183 1.29 1.64 -21.02
CA PRO A 183 0.84 2.73 -21.91
C PRO A 183 -0.34 3.52 -21.38
N PHE A 184 -1.08 2.99 -20.41
CA PHE A 184 -2.22 3.69 -19.83
C PHE A 184 -1.86 4.55 -18.63
N ILE A 185 -0.62 4.48 -18.15
CA ILE A 185 -0.21 5.17 -16.92
C ILE A 185 0.37 6.52 -17.29
N LYS A 186 -0.11 7.57 -16.64
CA LYS A 186 0.24 8.95 -16.95
C LYS A 186 0.91 9.60 -15.74
N THR A 187 1.28 10.87 -15.91
CA THR A 187 1.79 11.74 -14.87
C THR A 187 1.12 13.09 -15.00
N PRO A 188 1.05 13.88 -13.92
CA PRO A 188 1.53 13.67 -12.54
C PRO A 188 0.80 12.54 -11.82
N PHE A 189 -0.49 12.42 -12.07
CA PHE A 189 -1.30 11.35 -11.50
C PHE A 189 -1.62 10.32 -12.58
N ILE A 190 -2.22 9.21 -12.15
CA ILE A 190 -2.35 8.05 -13.02
C ILE A 190 -3.24 8.35 -14.23
N ASN A 191 -4.17 9.30 -14.10
CA ASN A 191 -5.01 9.74 -15.19
C ASN A 191 -4.66 11.17 -15.62
N SER A 192 -3.39 11.55 -15.43
CA SER A 192 -2.81 12.85 -15.76
C SER A 192 -3.05 13.89 -14.67
N GLU A 193 -3.91 14.89 -14.95
CA GLU A 193 -3.92 16.10 -14.15
C GLU A 193 -4.63 15.93 -12.81
N LYS A 194 -5.75 15.21 -12.79
CA LYS A 194 -6.57 15.10 -11.59
C LYS A 194 -6.18 13.89 -10.76
N PHE A 195 -5.99 14.09 -9.47
CA PHE A 195 -5.90 12.97 -8.54
C PHE A 195 -7.26 12.30 -8.43
N SER A 196 -7.28 10.97 -8.52
CA SER A 196 -8.52 10.24 -8.65
C SER A 196 -8.50 8.97 -7.79
N TRP A 197 -9.66 8.30 -7.75
CA TRP A 197 -9.76 7.02 -7.08
C TRP A 197 -8.93 5.94 -7.77
N ASP A 198 -8.55 6.16 -9.02
CA ASP A 198 -7.63 5.23 -9.68
C ASP A 198 -6.25 5.29 -9.05
N ASP A 199 -5.80 6.49 -8.67
CA ASP A 199 -4.56 6.59 -7.91
C ASP A 199 -4.68 5.86 -6.58
N ILE A 200 -5.81 6.04 -5.89
CA ILE A 200 -6.01 5.44 -4.57
C ILE A 200 -5.97 3.91 -4.67
N ASN A 201 -6.57 3.36 -5.71
CA ASN A 201 -6.73 1.91 -5.81
C ASN A 201 -5.55 1.22 -6.49
N ILE A 202 -4.76 1.91 -7.29
CA ILE A 202 -3.73 1.28 -8.09
C ILE A 202 -2.32 1.55 -7.56
N PHE A 203 -2.04 2.77 -7.11
CA PHE A 203 -0.71 3.07 -6.59
C PHE A 203 -0.25 2.13 -5.48
N PRO A 204 -1.09 1.73 -4.51
CA PRO A 204 -0.61 0.77 -3.50
C PRO A 204 -0.13 -0.53 -4.10
N ILE A 205 -0.69 -0.96 -5.24
CA ILE A 205 -0.19 -2.16 -5.91
C ILE A 205 1.20 -1.91 -6.47
N PHE A 206 1.42 -0.76 -7.10
CA PHE A 206 2.75 -0.42 -7.57
C PHE A 206 3.72 -0.24 -6.41
N PHE A 207 3.23 0.26 -5.27
CA PHE A 207 4.09 0.50 -4.12
C PHE A 207 4.70 -0.81 -3.61
N ILE A 208 3.86 -1.81 -3.34
CA ILE A 208 4.37 -3.07 -2.81
C ILE A 208 5.22 -3.81 -3.84
N LEU A 209 5.00 -3.53 -5.13
CA LEU A 209 5.80 -4.19 -6.16
C LEU A 209 7.28 -3.81 -6.05
N THR A 210 7.58 -2.61 -5.56
CA THR A 210 8.97 -2.19 -5.46
C THR A 210 9.75 -2.96 -4.39
N MSE A 211 9.07 -3.75 -3.56
CA MSE A 211 9.74 -4.59 -2.59
C MSE A 211 10.60 -5.64 -3.27
O MSE A 211 11.59 -6.12 -2.71
CB MSE A 211 8.72 -5.27 -1.67
CG MSE A 211 8.76 -4.81 -0.22
SE MSE A 211 7.47 -5.75 0.91
CE MSE A 211 5.82 -4.98 0.23
N SER A 212 10.23 -5.99 -4.50
CA SER A 212 10.95 -6.97 -5.31
C SER A 212 11.40 -6.35 -6.63
N LYS A 213 11.77 -5.08 -6.61
CA LYS A 213 12.23 -4.41 -7.82
C LYS A 213 13.51 -5.05 -8.38
N ASP A 214 14.30 -5.71 -7.54
CA ASP A 214 15.49 -6.40 -8.02
C ASP A 214 15.16 -7.60 -8.88
N LEU A 215 13.93 -8.13 -8.78
CA LEU A 215 13.51 -9.28 -9.56
C LEU A 215 12.61 -8.92 -10.74
N LEU A 216 12.00 -7.73 -10.74
CA LEU A 216 10.93 -7.40 -11.66
C LEU A 216 11.34 -6.27 -12.59
N GLU A 217 10.67 -6.22 -13.73
CA GLU A 217 10.88 -5.18 -14.74
C GLU A 217 9.74 -4.17 -14.61
N ILE A 218 10.01 -3.05 -13.93
CA ILE A 218 9.02 -2.01 -13.72
C ILE A 218 9.17 -0.99 -14.85
N PRO A 219 8.19 -0.88 -15.76
CA PRO A 219 8.40 -0.09 -16.98
C PRO A 219 8.42 1.42 -16.74
N THR A 220 8.61 2.17 -17.83
CA THR A 220 8.95 3.59 -17.73
C THR A 220 7.83 4.41 -17.10
N ASN A 221 6.62 4.31 -17.65
CA ASN A 221 5.53 5.16 -17.18
C ASN A 221 5.19 4.87 -15.72
N ILE A 222 5.14 3.60 -15.34
CA ILE A 222 4.88 3.25 -13.95
C ILE A 222 5.99 3.79 -13.05
N THR A 223 7.23 3.69 -13.50
CA THR A 223 8.36 4.19 -12.71
C THR A 223 8.25 5.69 -12.49
N ASN A 224 7.97 6.44 -13.55
CA ASN A 224 7.82 7.88 -13.42
C ASN A 224 6.63 8.25 -12.54
N TYR A 225 5.55 7.47 -12.62
CA TYR A 225 4.35 7.77 -11.84
C TYR A 225 4.60 7.58 -10.35
N ILE A 226 5.20 6.45 -9.97
CA ILE A 226 5.41 6.20 -8.54
C ILE A 226 6.50 7.11 -7.98
N LYS A 227 7.47 7.48 -8.81
CA LYS A 227 8.46 8.46 -8.35
C LYS A 227 7.84 9.82 -8.10
N ASN A 228 6.82 10.20 -8.87
CA ASN A 228 6.14 11.46 -8.64
C ASN A 228 5.30 11.40 -7.35
N ILE A 229 4.61 10.28 -7.13
CA ILE A 229 3.86 10.11 -5.89
C ILE A 229 4.80 10.16 -4.69
N GLU A 230 5.95 9.48 -4.79
CA GLU A 230 6.93 9.52 -3.72
C GLU A 230 7.39 10.96 -3.45
N ALA A 231 7.58 11.74 -4.51
CA ALA A 231 8.04 13.12 -4.33
C ALA A 231 6.97 13.97 -3.66
N LYS A 232 5.70 13.73 -3.97
CA LYS A 232 4.61 14.57 -3.49
C LYS A 232 4.07 14.13 -2.13
N THR A 233 4.56 13.03 -1.57
CA THR A 233 4.07 12.51 -0.30
C THR A 233 5.26 12.21 0.62
N ASN A 234 4.94 11.62 1.77
CA ASN A 234 5.95 11.08 2.69
C ASN A 234 6.10 9.58 2.54
N ILE A 235 5.54 9.00 1.49
CA ILE A 235 5.65 7.56 1.24
C ILE A 235 6.95 7.29 0.51
N GLU A 236 7.80 6.44 1.08
CA GLU A 236 9.07 6.07 0.47
C GLU A 236 8.95 4.72 -0.22
N LEU A 237 9.35 4.66 -1.48
CA LEU A 237 9.37 3.40 -2.20
C LEU A 237 10.48 2.50 -1.66
N TYR A 238 10.30 1.19 -1.85
CA TYR A 238 11.31 0.23 -1.42
C TYR A 238 12.54 0.27 -2.33
S SO4 B . -10.05 -1.95 4.52
O1 SO4 B . -8.93 -1.29 3.85
O2 SO4 B . -9.90 -3.39 4.41
O3 SO4 B . -10.06 -1.56 5.93
O4 SO4 B . -11.30 -1.53 3.89
S SO4 C . 2.79 -24.12 5.19
O1 SO4 C . 3.90 -23.28 5.61
O2 SO4 C . 3.09 -24.71 3.88
O3 SO4 C . 2.58 -25.19 6.16
O4 SO4 C . 1.58 -23.33 5.10
S SO4 D . -3.26 -19.84 -7.26
O1 SO4 D . -1.91 -19.35 -6.96
O2 SO4 D . -3.18 -21.06 -8.05
O3 SO4 D . -3.96 -20.12 -6.02
O4 SO4 D . -3.99 -18.82 -8.01
S SO4 E . -3.27 -10.76 10.57
O1 SO4 E . -2.30 -10.35 11.58
O2 SO4 E . -2.67 -11.76 9.68
O3 SO4 E . -4.45 -11.33 11.22
O4 SO4 E . -3.67 -9.60 9.78
CL CL F . -5.16 -5.62 8.40
#